data_2GZK
#
_entry.id   2GZK
#
_cell.length_a   1.000
_cell.length_b   1.000
_cell.length_c   1.000
_cell.angle_alpha   90.00
_cell.angle_beta   90.00
_cell.angle_gamma   90.00
#
_symmetry.space_group_name_H-M   'P 1'
#
loop_
_entity.id
_entity.type
_entity.pdbx_description
1 polymer "5'-D(*GP*GP*GP*AP*TP*CP*TP*AP*AP*AP*CP*AP*AP*TP*GP*C)-3'"
2 polymer "5'-D(*GP*CP*AP*TP*TP*GP*TP*TP*TP*AP*GP*AP*TP*CP*CP*C)-3'"
3 polymer 'Sex-determining region on Y / HMGB1'
#
loop_
_entity_poly.entity_id
_entity_poly.type
_entity_poly.pdbx_seq_one_letter_code
_entity_poly.pdbx_strand_id
1 'polydeoxyribonucleotide' (DG)(DG)(DG)(DA)(DT)(DC)(DT)(DA)(DA)(DA)(DC)(DA)(DA)(DT)(DG)(DC) B
2 'polydeoxyribonucleotide' (DG)(DC)(DA)(DT)(DT)(DG)(DT)(DT)(DT)(DA)(DG)(DA)(DT)(DC)(DC)(DC) C
3 'polypeptide(L)'
;VQDRVKRPMNAFIVWSRDQRRKMALENPRMRNSEISKQLGYQWKMLTEAEKWPFFQEAQKLQAMHREKYPNYKYRKGETK
KKFKDPNAPKRPPSAFFLFCSEYRPKIKGEHPGLSIGDVAKKLGEMWNNTAADDKQPYEKKAAKLKEKYEKDIAAYRAK
;
A
#
loop_
_chem_comp.id
_chem_comp.type
_chem_comp.name
_chem_comp.formula
DA DNA linking 2'-DEOXYADENOSINE-5'-MONOPHOSPHATE 'C10 H14 N5 O6 P'
DC DNA linking 2'-DEOXYCYTIDINE-5'-MONOPHOSPHATE 'C9 H14 N3 O7 P'
DG DNA linking 2'-DEOXYGUANOSINE-5'-MONOPHOSPHATE 'C10 H14 N5 O7 P'
DT DNA linking THYMIDINE-5'-MONOPHOSPHATE 'C10 H15 N2 O8 P'
#
# COMPACT_ATOMS: atom_id res chain seq x y z
N VAL C 1 -5.84 24.28 9.55
CA VAL C 1 -5.41 22.86 9.53
C VAL C 1 -6.12 22.07 10.62
N GLN C 2 -6.42 22.71 11.76
CA GLN C 2 -7.09 22.02 12.86
C GLN C 2 -8.48 21.54 12.44
N ASP C 3 -9.19 22.38 11.70
CA ASP C 3 -10.49 22.02 11.12
C ASP C 3 -10.29 21.27 9.81
N ARG C 4 -9.38 20.31 9.82
CA ARG C 4 -9.05 19.54 8.64
C ARG C 4 -10.27 18.80 8.12
N VAL C 5 -10.44 18.81 6.80
CA VAL C 5 -11.53 18.08 6.19
C VAL C 5 -11.33 16.59 6.39
N LYS C 6 -12.38 15.92 6.84
CA LYS C 6 -12.28 14.52 7.22
C LYS C 6 -11.84 13.66 6.04
N ARG C 7 -10.79 12.87 6.26
CA ARG C 7 -10.30 11.96 5.26
C ARG C 7 -11.31 10.85 5.02
N PRO C 8 -11.51 10.45 3.74
CA PRO C 8 -12.46 9.39 3.40
C PRO C 8 -12.25 8.15 4.25
N MET C 9 -13.31 7.74 4.93
CA MET C 9 -13.26 6.64 5.86
C MET C 9 -12.90 5.35 5.14
N ASN C 10 -11.84 4.71 5.60
CA ASN C 10 -11.43 3.43 5.07
C ASN C 10 -12.48 2.37 5.37
N ALA C 11 -12.57 1.38 4.50
CA ALA C 11 -13.61 0.35 4.57
C ALA C 11 -13.80 -0.22 5.96
N PHE C 12 -12.70 -0.33 6.70
CA PHE C 12 -12.72 -0.86 8.06
C PHE C 12 -13.64 0.00 8.94
N ILE C 13 -13.48 1.31 8.85
CA ILE C 13 -14.27 2.23 9.65
C ILE C 13 -15.76 2.12 9.34
N VAL C 14 -16.09 2.02 8.06
CA VAL C 14 -17.49 1.86 7.63
C VAL C 14 -18.14 0.70 8.39
N TRP C 15 -17.50 -0.45 8.30
CA TRP C 15 -17.94 -1.66 8.99
C TRP C 15 -17.93 -1.44 10.51
N SER C 16 -16.84 -0.88 11.01
CA SER C 16 -16.69 -0.64 12.45
C SER C 16 -17.83 0.19 13.01
N ARG C 17 -18.24 1.22 12.29
CA ARG C 17 -19.28 2.13 12.77
C ARG C 17 -20.57 1.36 13.08
N ASP C 18 -21.05 0.60 12.11
CA ASP C 18 -22.32 -0.12 12.30
C ASP C 18 -22.12 -1.35 13.18
N GLN C 19 -20.96 -1.99 13.07
CA GLN C 19 -20.67 -3.19 13.85
C GLN C 19 -20.52 -2.84 15.33
N ARG C 20 -19.79 -1.77 15.62
CA ARG C 20 -19.56 -1.33 17.00
C ARG C 20 -20.88 -1.09 17.71
N ARG C 21 -21.81 -0.44 17.03
CA ARG C 21 -23.11 -0.16 17.62
C ARG C 21 -23.85 -1.45 17.95
N LYS C 22 -23.83 -2.38 17.01
CA LYS C 22 -24.44 -3.69 17.21
C LYS C 22 -23.76 -4.42 18.37
N MET C 23 -22.43 -4.36 18.38
CA MET C 23 -21.64 -4.99 19.43
C MET C 23 -22.00 -4.47 20.81
N ALA C 24 -22.25 -3.17 20.89
CA ALA C 24 -22.61 -2.53 22.16
C ALA C 24 -23.90 -3.12 22.69
N LEU C 25 -24.78 -3.48 21.76
CA LEU C 25 -26.06 -4.08 22.11
C LEU C 25 -25.87 -5.51 22.60
N GLU C 26 -25.13 -6.29 21.83
CA GLU C 26 -24.92 -7.70 22.13
C GLU C 26 -24.04 -7.89 23.37
N ASN C 27 -22.88 -7.23 23.38
CA ASN C 27 -21.96 -7.34 24.51
C ASN C 27 -22.42 -6.46 25.67
N PRO C 28 -22.66 -7.08 26.83
CA PRO C 28 -23.16 -6.36 28.01
C PRO C 28 -22.14 -5.38 28.59
N ARG C 29 -20.88 -5.80 28.64
CA ARG C 29 -19.84 -4.95 29.21
C ARG C 29 -19.39 -3.89 28.21
N MET C 30 -19.43 -4.26 26.92
CA MET C 30 -19.08 -3.37 25.80
C MET C 30 -17.97 -2.39 26.15
N ARG C 31 -16.88 -2.93 26.68
CA ARG C 31 -15.70 -2.13 26.97
C ARG C 31 -15.03 -1.72 25.66
N ASN C 32 -14.67 -0.45 25.57
CA ASN C 32 -14.11 0.11 24.34
C ASN C 32 -12.97 -0.75 23.82
N SER C 33 -12.05 -1.11 24.70
CA SER C 33 -10.91 -1.93 24.33
C SER C 33 -11.35 -3.30 23.80
N GLU C 34 -12.28 -3.92 24.52
CA GLU C 34 -12.69 -5.28 24.20
C GLU C 34 -13.52 -5.33 22.92
N ILE C 35 -14.44 -4.38 22.79
CA ILE C 35 -15.27 -4.29 21.59
C ILE C 35 -14.41 -4.14 20.34
N SER C 36 -13.53 -3.14 20.37
CA SER C 36 -12.70 -2.82 19.21
C SER C 36 -11.66 -3.91 18.91
N LYS C 37 -11.12 -4.53 19.96
CA LYS C 37 -10.08 -5.54 19.81
C LYS C 37 -10.54 -6.67 18.89
N GLN C 38 -11.67 -7.29 19.24
CA GLN C 38 -12.19 -8.39 18.44
C GLN C 38 -12.80 -7.87 17.14
N LEU C 39 -13.18 -6.59 17.16
CA LEU C 39 -13.76 -5.95 16.00
C LEU C 39 -12.78 -5.97 14.82
N GLY C 40 -11.57 -5.48 15.07
CA GLY C 40 -10.53 -5.53 14.07
C GLY C 40 -10.17 -6.95 13.69
N TYR C 41 -10.25 -7.84 14.67
CA TYR C 41 -9.99 -9.25 14.45
C TYR C 41 -10.91 -9.82 13.39
N GLN C 42 -12.21 -9.65 13.60
CA GLN C 42 -13.21 -10.18 12.68
C GLN C 42 -13.02 -9.63 11.28
N TRP C 43 -12.70 -8.35 11.17
CA TRP C 43 -12.53 -7.70 9.88
C TRP C 43 -11.48 -8.40 9.04
N LYS C 44 -10.28 -8.59 9.60
CA LYS C 44 -9.19 -9.20 8.84
C LYS C 44 -9.43 -10.69 8.64
N MET C 45 -10.32 -11.25 9.45
CA MET C 45 -10.71 -12.65 9.34
C MET C 45 -11.83 -12.82 8.32
N LEU C 46 -12.40 -11.71 7.85
CA LEU C 46 -13.49 -11.75 6.87
C LEU C 46 -12.98 -12.20 5.51
N THR C 47 -13.90 -12.61 4.64
CA THR C 47 -13.57 -13.02 3.29
C THR C 47 -13.33 -11.80 2.40
N GLU C 48 -12.49 -11.96 1.38
CA GLU C 48 -12.19 -10.86 0.46
C GLU C 48 -13.45 -10.39 -0.25
N ALA C 49 -14.38 -11.32 -0.48
CA ALA C 49 -15.65 -11.01 -1.10
C ALA C 49 -16.40 -9.92 -0.33
N GLU C 50 -16.20 -9.91 0.98
CA GLU C 50 -16.80 -8.89 1.85
C GLU C 50 -16.00 -7.59 1.79
N LYS C 51 -14.67 -7.73 1.80
CA LYS C 51 -13.77 -6.58 1.73
C LYS C 51 -14.00 -5.75 0.46
N TRP C 52 -14.03 -6.43 -0.68
CA TRP C 52 -14.07 -5.77 -1.98
C TRP C 52 -15.11 -4.62 -2.03
N PRO C 53 -16.41 -4.89 -1.83
CA PRO C 53 -17.45 -3.87 -1.92
C PRO C 53 -17.36 -2.84 -0.81
N PHE C 54 -16.87 -3.26 0.35
CA PHE C 54 -16.61 -2.32 1.44
C PHE C 54 -15.50 -1.36 1.06
N PHE C 55 -14.46 -1.89 0.41
CA PHE C 55 -13.37 -1.08 -0.11
C PHE C 55 -13.90 -0.09 -1.14
N GLN C 56 -14.87 -0.53 -1.93
CA GLN C 56 -15.48 0.31 -2.97
C GLN C 56 -16.13 1.55 -2.37
N GLU C 57 -16.70 1.42 -1.18
CA GLU C 57 -17.30 2.55 -0.49
C GLU C 57 -16.24 3.61 -0.24
N ALA C 58 -15.11 3.16 0.31
CA ALA C 58 -13.98 4.03 0.57
C ALA C 58 -13.42 4.61 -0.72
N GLN C 59 -13.32 3.78 -1.76
CA GLN C 59 -12.78 4.21 -3.05
C GLN C 59 -13.63 5.31 -3.65
N LYS C 60 -14.94 5.15 -3.62
CA LYS C 60 -15.85 6.18 -4.12
C LYS C 60 -15.72 7.45 -3.29
N LEU C 61 -15.58 7.27 -1.98
CA LEU C 61 -15.42 8.37 -1.05
C LEU C 61 -14.22 9.23 -1.42
N GLN C 62 -13.05 8.60 -1.53
CA GLN C 62 -11.82 9.33 -1.81
C GLN C 62 -11.83 9.92 -3.21
N ALA C 63 -12.46 9.23 -4.15
CA ALA C 63 -12.54 9.69 -5.52
C ALA C 63 -13.23 11.06 -5.62
N MET C 64 -14.42 11.15 -5.02
CA MET C 64 -15.16 12.40 -5.03
C MET C 64 -14.51 13.43 -4.13
N HIS C 65 -13.96 12.97 -3.01
CA HIS C 65 -13.37 13.85 -2.00
C HIS C 65 -12.12 14.57 -2.55
N ARG C 66 -11.25 13.82 -3.21
CA ARG C 66 -9.98 14.38 -3.68
C ARG C 66 -10.24 15.39 -4.80
N GLU C 67 -11.19 15.09 -5.66
CA GLU C 67 -11.52 15.96 -6.77
C GLU C 67 -12.30 17.19 -6.29
N LYS C 68 -13.12 16.99 -5.26
CA LYS C 68 -13.93 18.07 -4.71
C LYS C 68 -13.05 19.21 -4.19
N TYR C 69 -12.08 18.87 -3.38
CA TYR C 69 -11.20 19.87 -2.79
C TYR C 69 -9.98 20.13 -3.67
N PRO C 70 -9.83 21.37 -4.15
CA PRO C 70 -8.73 21.76 -5.03
C PRO C 70 -7.38 21.87 -4.30
N ASN C 71 -7.39 22.47 -3.10
CA ASN C 71 -6.16 22.70 -2.36
C ASN C 71 -6.28 22.22 -0.92
N TYR C 72 -7.31 22.67 -0.23
CA TYR C 72 -7.54 22.25 1.14
C TYR C 72 -7.85 20.78 1.18
N LYS C 73 -7.06 20.01 1.91
CA LYS C 73 -7.28 18.58 1.97
C LYS C 73 -6.30 17.93 2.92
N TYR C 74 -6.45 16.64 3.12
CA TYR C 74 -5.59 15.89 4.02
C TYR C 74 -4.15 15.90 3.53
N ARG C 75 -3.28 16.52 4.31
CA ARG C 75 -1.86 16.49 4.06
C ARG C 75 -1.28 15.37 4.92
N LYS C 76 -0.18 14.78 4.48
CA LYS C 76 0.41 13.67 5.22
C LYS C 76 0.96 14.18 6.55
N GLY C 77 0.18 13.98 7.61
CA GLY C 77 0.62 14.35 8.95
C GLY C 77 1.65 13.38 9.47
N GLU C 78 2.76 13.29 8.76
CA GLU C 78 3.78 12.29 9.03
C GLU C 78 4.55 12.63 10.31
N THR C 79 5.85 12.86 10.18
CA THR C 79 6.71 13.11 11.32
C THR C 79 8.12 13.47 10.80
N LYS C 80 9.14 12.79 11.29
CA LYS C 80 10.50 13.01 10.82
C LYS C 80 10.59 12.79 9.31
N LYS C 81 10.00 11.70 8.83
CA LYS C 81 10.00 11.40 7.41
C LYS C 81 8.81 12.03 6.69
N LYS C 82 8.46 13.25 7.09
CA LYS C 82 7.38 13.99 6.44
C LYS C 82 7.89 14.59 5.14
N PHE C 83 9.11 15.10 5.20
CA PHE C 83 9.79 15.63 4.03
C PHE C 83 10.61 14.53 3.37
N LYS C 84 11.53 14.88 2.47
CA LYS C 84 12.41 13.89 1.87
C LYS C 84 13.32 13.32 2.93
N ASP C 85 13.10 12.07 3.31
CA ASP C 85 13.88 11.42 4.35
C ASP C 85 15.29 11.16 3.84
N PRO C 86 16.29 11.79 4.46
CA PRO C 86 17.69 11.73 4.01
C PRO C 86 18.26 10.32 4.05
N ASN C 87 17.89 9.57 5.08
CA ASN C 87 18.50 8.29 5.34
C ASN C 87 17.47 7.22 5.63
N ALA C 88 16.46 7.16 4.77
CA ALA C 88 15.46 6.09 4.85
C ALA C 88 16.09 4.77 4.43
N PRO C 89 15.77 3.67 5.12
CA PRO C 89 16.32 2.34 4.81
C PRO C 89 15.96 1.90 3.40
N LYS C 90 16.89 1.24 2.74
CA LYS C 90 16.70 0.83 1.35
C LYS C 90 15.78 -0.37 1.24
N ARG C 91 14.69 -0.18 0.50
CA ARG C 91 13.72 -1.24 0.25
C ARG C 91 14.30 -2.27 -0.71
N PRO C 92 13.78 -3.50 -0.68
CA PRO C 92 14.17 -4.54 -1.62
C PRO C 92 13.86 -4.12 -3.05
N PRO C 93 14.77 -4.41 -3.99
CA PRO C 93 14.57 -4.07 -5.40
C PRO C 93 13.28 -4.66 -5.93
N SER C 94 12.52 -3.85 -6.67
CA SER C 94 11.22 -4.26 -7.16
C SER C 94 11.38 -5.34 -8.23
N ALA C 95 10.43 -6.26 -8.27
CA ALA C 95 10.46 -7.37 -9.21
C ALA C 95 10.59 -6.87 -10.64
N PHE C 96 9.82 -5.83 -10.94
CA PHE C 96 9.88 -5.18 -12.24
C PHE C 96 11.29 -4.70 -12.54
N PHE C 97 11.86 -3.97 -11.59
CA PHE C 97 13.21 -3.45 -11.71
C PHE C 97 14.24 -4.57 -11.83
N LEU C 98 14.03 -5.66 -11.11
CA LEU C 98 14.90 -6.83 -11.21
C LEU C 98 14.89 -7.36 -12.63
N PHE C 99 13.69 -7.50 -13.19
CA PHE C 99 13.54 -7.93 -14.57
C PHE C 99 14.18 -6.93 -15.51
N CYS C 100 14.00 -5.65 -15.21
CA CYS C 100 14.57 -4.58 -16.00
C CYS C 100 16.09 -4.69 -16.05
N SER C 101 16.69 -4.93 -14.90
CA SER C 101 18.14 -5.09 -14.80
C SER C 101 18.63 -6.23 -15.70
N GLU C 102 17.92 -7.35 -15.65
CA GLU C 102 18.27 -8.53 -16.43
C GLU C 102 18.21 -8.25 -17.94
N TYR C 103 17.17 -7.56 -18.36
CA TYR C 103 16.96 -7.29 -19.77
C TYR C 103 17.71 -6.06 -20.26
N ARG C 104 18.13 -5.21 -19.33
CA ARG C 104 18.81 -3.95 -19.67
C ARG C 104 19.88 -4.14 -20.78
N PRO C 105 20.86 -5.05 -20.60
CA PRO C 105 21.89 -5.31 -21.61
C PRO C 105 21.30 -5.87 -22.91
N LYS C 106 20.18 -6.57 -22.79
CA LYS C 106 19.53 -7.18 -23.93
C LYS C 106 18.80 -6.13 -24.77
N ILE C 107 18.21 -5.14 -24.10
CA ILE C 107 17.41 -4.12 -24.80
C ILE C 107 18.27 -3.31 -25.74
N LYS C 108 19.46 -2.94 -25.30
CA LYS C 108 20.40 -2.21 -26.12
C LYS C 108 20.85 -3.10 -27.27
N GLY C 109 20.79 -4.40 -27.02
CA GLY C 109 21.06 -5.39 -28.04
C GLY C 109 20.01 -5.39 -29.14
N GLU C 110 18.76 -5.19 -28.75
CA GLU C 110 17.67 -5.14 -29.73
C GLU C 110 17.79 -3.91 -30.61
N HIS C 111 18.02 -2.76 -29.99
CA HIS C 111 18.22 -1.52 -30.73
C HIS C 111 19.42 -0.77 -30.16
N PRO C 112 20.49 -0.66 -30.94
CA PRO C 112 21.72 0.04 -30.53
C PRO C 112 21.57 1.56 -30.60
N GLY C 113 20.51 2.08 -30.02
CA GLY C 113 20.26 3.49 -30.03
C GLY C 113 19.30 3.91 -28.95
N LEU C 114 19.48 3.34 -27.77
CA LEU C 114 18.62 3.63 -26.63
C LEU C 114 19.45 4.10 -25.45
N SER C 115 19.00 5.17 -24.82
CA SER C 115 19.57 5.61 -23.58
C SER C 115 19.21 4.60 -22.48
N ILE C 116 20.08 4.44 -21.50
CA ILE C 116 19.88 3.45 -20.45
C ILE C 116 18.51 3.62 -19.78
N GLY C 117 18.10 4.86 -19.61
CA GLY C 117 16.78 5.14 -19.06
C GLY C 117 15.65 4.71 -19.98
N ASP C 118 15.88 4.77 -21.30
CA ASP C 118 14.83 4.46 -22.26
C ASP C 118 14.59 2.96 -22.37
N VAL C 119 15.59 2.16 -21.99
CA VAL C 119 15.45 0.71 -22.07
C VAL C 119 14.34 0.23 -21.12
N ALA C 120 14.09 1.03 -20.08
CA ALA C 120 13.04 0.75 -19.12
C ALA C 120 11.67 0.73 -19.79
N LYS C 121 11.49 1.60 -20.77
CA LYS C 121 10.24 1.68 -21.53
C LYS C 121 9.95 0.36 -22.22
N LYS C 122 10.99 -0.25 -22.78
CA LYS C 122 10.87 -1.56 -23.42
C LYS C 122 10.43 -2.60 -22.40
N LEU C 123 11.03 -2.55 -21.22
CA LEU C 123 10.66 -3.46 -20.13
C LEU C 123 9.19 -3.30 -19.79
N GLY C 124 8.72 -2.06 -19.80
CA GLY C 124 7.35 -1.77 -19.46
C GLY C 124 6.33 -2.58 -20.24
N GLU C 125 6.49 -2.66 -21.57
CA GLU C 125 5.53 -3.42 -22.38
C GLU C 125 5.73 -4.92 -22.21
N MET C 126 6.97 -5.34 -22.03
CA MET C 126 7.27 -6.75 -21.78
C MET C 126 6.79 -7.18 -20.41
N TRP C 127 6.64 -6.21 -19.51
CA TRP C 127 6.19 -6.45 -18.16
C TRP C 127 4.77 -7.00 -18.18
N ASN C 128 3.94 -6.44 -19.06
CA ASN C 128 2.57 -6.90 -19.24
C ASN C 128 2.56 -8.29 -19.87
N ASN C 129 3.50 -8.52 -20.77
CA ASN C 129 3.61 -9.81 -21.47
C ASN C 129 4.11 -10.91 -20.55
N THR C 130 4.86 -10.53 -19.52
CA THR C 130 5.46 -11.51 -18.61
C THR C 130 4.38 -12.27 -17.85
N ALA C 131 4.44 -13.60 -17.93
CA ALA C 131 3.49 -14.46 -17.25
C ALA C 131 3.65 -14.33 -15.73
N ALA C 132 2.55 -14.43 -15.02
CA ALA C 132 2.54 -14.26 -13.57
C ALA C 132 3.49 -15.23 -12.88
N ASP C 133 3.43 -16.49 -13.27
CA ASP C 133 4.32 -17.50 -12.71
C ASP C 133 5.78 -17.15 -12.98
N ASP C 134 6.06 -16.68 -14.19
CA ASP C 134 7.43 -16.32 -14.57
C ASP C 134 7.94 -15.13 -13.75
N LYS C 135 7.07 -14.16 -13.48
CA LYS C 135 7.47 -12.97 -12.73
C LYS C 135 7.47 -13.24 -11.22
N GLN C 136 6.74 -14.28 -10.82
CA GLN C 136 6.59 -14.63 -9.41
C GLN C 136 7.93 -14.72 -8.66
N PRO C 137 8.94 -15.46 -9.19
CA PRO C 137 10.23 -15.63 -8.52
C PRO C 137 10.88 -14.30 -8.13
N TYR C 138 10.74 -13.31 -9.00
CA TYR C 138 11.30 -11.99 -8.75
C TYR C 138 10.62 -11.35 -7.55
N GLU C 139 9.30 -11.40 -7.56
CA GLU C 139 8.51 -10.84 -6.48
C GLU C 139 8.83 -11.53 -5.16
N LYS C 140 8.91 -12.85 -5.20
CA LYS C 140 9.26 -13.63 -4.02
C LYS C 140 10.64 -13.24 -3.49
N LYS C 141 11.57 -13.01 -4.41
CA LYS C 141 12.92 -12.58 -4.05
C LYS C 141 12.84 -11.27 -3.27
N ALA C 142 12.05 -10.34 -3.79
CA ALA C 142 11.83 -9.05 -3.13
C ALA C 142 11.16 -9.26 -1.76
N ALA C 143 10.20 -10.16 -1.71
CA ALA C 143 9.49 -10.45 -0.46
C ALA C 143 10.44 -10.96 0.61
N LYS C 144 11.40 -11.78 0.21
CA LYS C 144 12.40 -12.30 1.15
C LYS C 144 13.29 -11.17 1.64
N LEU C 145 13.66 -10.28 0.73
CA LEU C 145 14.47 -9.13 1.06
C LEU C 145 13.67 -8.15 1.92
N LYS C 146 12.36 -8.14 1.72
CA LYS C 146 11.46 -7.30 2.49
C LYS C 146 11.57 -7.62 3.98
N GLU C 147 11.63 -8.90 4.32
CA GLU C 147 11.78 -9.31 5.70
C GLU C 147 13.06 -8.71 6.29
N LYS C 148 14.13 -8.77 5.51
CA LYS C 148 15.40 -8.17 5.87
C LYS C 148 15.25 -6.66 6.01
N TYR C 149 14.53 -6.07 5.07
CA TYR C 149 14.29 -4.63 5.05
C TYR C 149 13.55 -4.17 6.30
N GLU C 150 12.61 -4.98 6.78
CA GLU C 150 11.85 -4.64 7.96
C GLU C 150 12.79 -4.51 9.16
N LYS C 151 13.81 -5.35 9.21
CA LYS C 151 14.82 -5.26 10.24
C LYS C 151 15.55 -3.92 10.16
N ASP C 152 15.83 -3.50 8.93
CA ASP C 152 16.47 -2.21 8.68
C ASP C 152 15.59 -1.05 9.14
N ILE C 153 14.29 -1.12 8.85
CA ILE C 153 13.39 -0.04 9.25
C ILE C 153 13.15 -0.10 10.75
N ALA C 154 13.27 -1.29 11.33
CA ALA C 154 13.20 -1.45 12.77
C ALA C 154 14.38 -0.75 13.44
N ALA C 155 15.55 -0.87 12.81
CA ALA C 155 16.74 -0.19 13.28
C ALA C 155 16.55 1.33 13.20
N TYR C 156 15.86 1.75 12.15
CA TYR C 156 15.52 3.16 11.95
C TYR C 156 14.63 3.65 13.08
N ARG C 157 13.68 2.81 13.49
CA ARG C 157 12.76 3.14 14.57
C ARG C 157 13.51 3.21 15.91
N ALA C 158 14.44 2.30 16.10
CA ALA C 158 15.25 2.26 17.32
C ALA C 158 16.46 1.35 17.13
N LYS C 159 17.64 1.88 17.39
CA LYS C 159 18.87 1.12 17.21
C LYS C 159 19.06 0.13 18.36
#